data_3SKW
#
_entry.id   3SKW
#
_cell.length_a   102.376
_cell.length_b   35.414
_cell.length_c   119.269
_cell.angle_alpha   90.00
_cell.angle_beta   95.18
_cell.angle_gamma   90.00
#
_symmetry.space_group_name_H-M   'C 1 2 1'
#
loop_
_entity.id
_entity.type
_entity.pdbx_description
1 polymer 'RNA (66-MER)'
2 non-polymer "2'-DEOXY-GUANOSINE"
3 non-polymer 'CESIUM ION'
4 non-polymer 'MAGNESIUM ION'
5 water water
#
_entity_poly.entity_id   1
_entity_poly.type   'polyribonucleotide'
_entity_poly.pdbx_seq_one_letter_code
;(GTP)GCUUAUACAGGGUAGCAUAAUGGGCUACUGACCCCGCCUUCAAACCUAUUUGGAGACUAUAAGU(CCC)
;
_entity_poly.pdbx_strand_id   A,B
#
loop_
_chem_comp.id
_chem_comp.type
_chem_comp.name
_chem_comp.formula
A RNA linking ADENOSINE-5'-MONOPHOSPHATE 'C10 H14 N5 O7 P'
C RNA linking CYTIDINE-5'-MONOPHOSPHATE 'C9 H14 N3 O8 P'
CCC RNA linking 'CYTIDINE-5'-PHOSPHATE-2',3'-CYCLIC PHOSPHATE' 'C9 H13 N3 O10 P2'
CS non-polymer 'CESIUM ION' 'Cs 1'
G RNA linking GUANOSINE-5'-MONOPHOSPHATE 'C10 H14 N5 O8 P'
GNG non-polymer 2'-DEOXY-GUANOSINE 'C10 H13 N5 O4'
GTP non-polymer GUANOSINE-5'-TRIPHOSPHATE 'C10 H16 N5 O14 P3'
MG non-polymer 'MAGNESIUM ION' 'Mg 2'
U RNA linking URIDINE-5'-MONOPHOSPHATE 'C9 H13 N2 O9 P'
#
# COMPACT_ATOMS: atom_id res chain seq x y z
PG GTP A 1 -3.79 -27.18 6.70
O1G GTP A 1 -3.80 -28.65 6.36
O2G GTP A 1 -3.17 -26.99 8.06
O3G GTP A 1 -5.19 -26.63 6.71
O3B GTP A 1 -2.90 -26.41 5.58
PB GTP A 1 -3.17 -26.55 4.00
O1B GTP A 1 -3.87 -27.87 3.73
O2B GTP A 1 -1.87 -26.46 3.25
O3A GTP A 1 -4.15 -25.34 3.59
PA GTP A 1 -3.56 -23.88 3.23
O1A GTP A 1 -2.38 -23.58 4.12
O2A GTP A 1 -4.63 -22.82 3.36
O5' GTP A 1 -3.05 -23.99 1.71
C5' GTP A 1 -3.03 -22.84 0.89
C4' GTP A 1 -4.13 -22.86 -0.16
O4' GTP A 1 -5.14 -23.79 0.12
C3' GTP A 1 -4.88 -21.54 -0.18
O3' GTP A 1 -4.19 -20.56 -0.90
C2' GTP A 1 -6.23 -21.86 -0.80
O2' GTP A 1 -6.11 -21.79 -2.21
C1' GTP A 1 -6.38 -23.32 -0.39
N9 GTP A 1 -7.43 -23.39 0.65
C8 GTP A 1 -7.38 -24.10 1.82
N7 GTP A 1 -8.54 -23.91 2.49
C5 GTP A 1 -9.33 -23.10 1.77
C6 GTP A 1 -10.62 -22.60 2.01
O6 GTP A 1 -11.22 -22.89 3.03
N1 GTP A 1 -11.21 -21.78 1.07
C2 GTP A 1 -10.52 -21.45 -0.09
N2 GTP A 1 -11.08 -20.66 -0.99
N3 GTP A 1 -9.24 -21.96 -0.31
C4 GTP A 1 -8.66 -22.76 0.61
PC CCC A 66 -17.83 -19.74 -2.66
O1C CCC A 66 -17.99 -20.58 -3.90
O2C CCC A 66 -17.71 -18.29 -3.05
P CCC A 66 -20.97 -19.48 3.93
OP1 CCC A 66 -22.41 -19.19 3.59
OP2 CCC A 66 -20.58 -20.89 4.33
O5' CCC A 66 -20.07 -19.02 2.67
C5' CCC A 66 -19.86 -19.91 1.57
C4' CCC A 66 -18.79 -19.38 0.62
O4' CCC A 66 -17.54 -19.16 1.30
C3' CCC A 66 -18.53 -20.42 -0.48
O3' CCC A 66 -19.09 -19.93 -1.69
C2' CCC A 66 -17.01 -20.57 -0.55
O2' CCC A 66 -16.51 -20.20 -1.85
C1' CCC A 66 -16.43 -19.73 0.59
N1 CCC A 66 -15.68 -20.57 1.52
C2 CCC A 66 -14.41 -20.90 1.28
O2 CCC A 66 -13.83 -20.51 0.29
N3 CCC A 66 -13.79 -21.68 2.15
C4 CCC A 66 -14.50 -22.05 3.21
N4 CCC A 66 -13.97 -22.84 4.14
C5 CCC A 66 -15.70 -21.67 3.33
C6 CCC A 66 -16.23 -20.98 2.53
PG GTP B 1 3.41 22.00 -0.36
O1G GTP B 1 4.61 21.60 0.46
O2G GTP B 1 2.25 22.29 0.57
O3G GTP B 1 3.06 20.88 -1.31
O3B GTP B 1 3.79 23.32 -1.19
PB GTP B 1 4.86 23.22 -2.40
O1B GTP B 1 5.72 21.99 -2.21
O2B GTP B 1 5.72 24.47 -2.48
O3A GTP B 1 3.98 22.97 -3.73
PA GTP B 1 2.38 23.16 -3.79
O1A GTP B 1 1.88 24.09 -2.69
O2A GTP B 1 1.72 21.80 -3.69
O5' GTP B 1 2.11 23.85 -5.21
C5' GTP B 1 1.41 25.08 -5.26
C4' GTP B 1 1.70 25.83 -6.57
O4' GTP B 1 2.72 26.79 -6.38
C3' GTP B 1 2.24 24.90 -7.65
O3' GTP B 1 1.21 24.32 -8.40
C2' GTP B 1 3.13 25.80 -8.49
O2' GTP B 1 2.28 26.58 -9.31
C1' GTP B 1 3.74 26.65 -7.37
N9 GTP B 1 4.84 25.87 -6.76
C8 GTP B 1 4.75 25.29 -5.52
N7 GTP B 1 5.89 24.64 -5.24
C5 GTP B 1 6.73 24.79 -6.27
C6 GTP B 1 8.01 24.33 -6.46
O6 GTP B 1 8.53 23.65 -5.57
N1 GTP B 1 8.69 24.63 -7.62
C2 GTP B 1 8.06 25.40 -8.57
N2 GTP B 1 8.70 25.68 -9.70
N3 GTP B 1 6.77 25.86 -8.38
C4 GTP B 1 6.10 25.57 -7.24
PC CCC B 66 14.39 27.54 -13.58
O1C CCC B 66 14.33 29.05 -13.52
O2C CCC B 66 14.12 27.09 -14.99
P CCC B 66 18.22 21.98 -10.92
OP1 CCC B 66 19.68 22.02 -11.32
OP2 CCC B 66 17.82 22.39 -9.52
O5' CCC B 66 17.37 22.87 -11.96
C5' CCC B 66 17.19 24.27 -11.73
C4' CCC B 66 15.92 24.77 -12.43
O4' CCC B 66 14.82 23.92 -12.08
C3' CCC B 66 15.60 26.20 -12.01
O3' CCC B 66 15.83 27.02 -13.14
C2' CCC B 66 14.11 26.16 -11.65
O2' CCC B 66 13.32 26.93 -12.56
C1' CCC B 66 13.74 24.68 -11.56
N1 CCC B 66 13.48 24.29 -10.18
C2 CCC B 66 12.26 24.40 -9.67
O2 CCC B 66 11.33 24.81 -10.36
N3 CCC B 66 12.06 24.05 -8.41
C4 CCC B 66 13.12 23.61 -7.75
N4 CCC B 66 13.01 23.24 -6.48
C5 CCC B 66 14.23 23.56 -8.34
C6 CCC B 66 14.39 23.88 -9.48
O5' GNG C . 3.76 -15.73 17.53
C5' GNG C . 4.09 -15.87 16.14
C4' GNG C . 5.53 -16.34 15.90
O4' GNG C . 6.15 -15.43 14.98
C1' GNG C . 6.68 -14.33 15.74
N9 GNG C . 5.90 -13.08 15.53
C8 GNG C . 5.25 -12.42 16.49
N7 GNG C . 4.64 -11.35 15.92
C5 GNG C . 4.94 -11.35 14.62
C4 GNG C . 5.72 -12.44 14.36
N3 GNG C . 6.14 -12.65 13.09
C2 GNG C . 5.80 -11.82 12.08
N1 GNG C . 5.03 -10.73 12.28
C6 GNG C . 4.59 -10.49 13.50
O6 GNG C . 3.86 -9.52 13.71
N2 GNG C . 6.23 -12.04 10.82
C2' GNG C . 6.58 -14.70 17.21
C3' GNG C . 6.30 -16.19 17.19
O3' GNG C . 7.51 -16.93 17.09
CS CS D . 20.30 3.55 19.52
CS CS E . 3.80 -6.32 14.86
CS CS F . 15.64 -6.25 19.84
CS CS G . 27.67 -3.35 14.73
CS CS H . 15.01 9.75 24.77
MG MG I . 16.02 13.80 13.83
CS CS J . 6.66 -1.99 3.66
MG MG K . 4.88 2.94 15.88
O5' GNG L . -3.13 6.42 -2.46
C5' GNG L . -3.66 6.25 -1.14
C4' GNG L . -4.89 7.12 -1.03
O4' GNG L . -5.07 7.75 -2.30
C1' GNG L . -6.13 7.13 -3.05
N9 GNG L . -5.60 6.40 -4.25
C8 GNG L . -4.78 5.34 -4.28
N7 GNG L . -4.52 5.00 -5.57
C5 GNG L . -5.18 5.87 -6.35
C4 GNG L . -5.84 6.75 -5.52
N3 GNG L . -6.60 7.73 -6.06
C2 GNG L . -6.71 7.90 -7.38
N1 GNG L . -6.09 7.08 -8.26
C6 GNG L . -5.32 6.07 -7.82
O6 GNG L . -4.75 5.32 -8.64
N2 GNG L . -7.48 8.92 -7.84
C2' GNG L . -6.88 6.22 -2.09
C3' GNG L . -6.13 6.29 -0.77
O3' GNG L . -6.97 6.89 0.23
#